data_5NVL
#
_entry.id   5NVL
#
_cell.length_a   82.550
_cell.length_b   82.550
_cell.length_c   148.490
_cell.angle_alpha   90.00
_cell.angle_beta   90.00
_cell.angle_gamma   90.00
#
_symmetry.space_group_name_H-M   'P 41 21 2'
#
loop_
_entity.id
_entity.type
_entity.pdbx_description
1 polymer 'Eukaryotic translation initiation factor 4E type 2'
2 polymer 'GRB10-interacting GYF protein 2'
3 water water
#
loop_
_entity_poly.entity_id
_entity_poly.type
_entity_poly.pdbx_seq_one_letter_code
_entity_poly.pdbx_strand_id
1 'polypeptide(L)'
;GPHMLEAEHPLQYNYTFWYSRRTPGRPTSSQSYEQNIKQIGTFASVEQFWRFYSHMVRPGDLTGHSDFHLFKEGIKPMWE
DDANKNGGKWIIRLRKGLASRCWENLILAMLGEQFMVGEEICGAVVSVRFQEDIISIWNKTASDQATTARIRDTLRRVLN
LPPNTIMEYKTHTDSIKMPGRLGPQRLLF
;
A,C
2 'polypeptide(L)' GPHMKYKLADYRYGREEMLALFLKDNKIPSDLLDKEFLPILQEEPLPPLALVPFTEEEQRNFSMSVNSAAVLRLT B,D
#
# COMPACT_ATOMS: atom_id res chain seq x y z
N PRO A 2 17.08 21.72 -8.59
CA PRO A 2 16.16 21.35 -7.52
C PRO A 2 16.77 21.47 -6.13
N HIS A 3 16.78 22.68 -5.59
CA HIS A 3 17.32 22.91 -4.26
C HIS A 3 16.56 22.07 -3.24
N MET A 4 17.29 21.61 -2.22
CA MET A 4 16.73 20.72 -1.21
C MET A 4 17.01 21.27 0.18
N LEU A 5 15.98 21.32 1.01
CA LEU A 5 16.07 21.80 2.38
C LEU A 5 16.31 20.64 3.33
N GLU A 6 16.85 20.97 4.51
CA GLU A 6 17.17 19.95 5.51
C GLU A 6 15.90 19.37 6.14
N ALA A 7 14.83 20.16 6.22
CA ALA A 7 13.62 19.70 6.90
C ALA A 7 12.82 18.71 6.06
N GLU A 8 12.93 18.78 4.75
CA GLU A 8 12.12 17.93 3.88
C GLU A 8 12.81 16.59 3.64
N HIS A 9 12.05 15.66 3.04
CA HIS A 9 12.43 14.25 2.98
C HIS A 9 12.94 13.90 1.60
N PRO A 10 14.21 13.57 1.42
CA PRO A 10 14.73 13.33 0.07
C PRO A 10 14.11 12.10 -0.57
N LEU A 11 14.01 12.15 -1.90
CA LEU A 11 13.72 10.95 -2.68
C LEU A 11 15.03 10.29 -3.07
N GLN A 12 14.95 8.98 -3.34
CA GLN A 12 16.17 8.26 -3.73
C GLN A 12 16.76 8.84 -5.01
N TYR A 13 15.93 9.45 -5.84
CA TYR A 13 16.40 10.09 -7.05
C TYR A 13 15.66 11.40 -7.22
N ASN A 14 16.29 12.34 -7.93
CA ASN A 14 15.52 13.44 -8.48
C ASN A 14 14.65 12.91 -9.61
N TYR A 15 13.45 13.45 -9.72
CA TYR A 15 12.55 13.09 -10.80
C TYR A 15 12.09 14.34 -11.53
N THR A 16 11.67 14.14 -12.78
CA THR A 16 11.27 15.23 -13.67
C THR A 16 9.90 14.93 -14.25
N PHE A 17 8.96 15.85 -14.05
CA PHE A 17 7.66 15.78 -14.70
C PHE A 17 7.75 16.31 -16.13
N TRP A 18 7.14 15.59 -17.07
CA TRP A 18 6.99 16.04 -18.44
C TRP A 18 5.54 15.95 -18.85
N TYR A 19 5.18 16.70 -19.88
CA TYR A 19 3.82 16.78 -20.39
C TYR A 19 3.84 16.88 -21.91
N SER A 20 2.97 16.12 -22.56
CA SER A 20 2.88 16.12 -24.01
C SER A 20 1.43 16.06 -24.45
N ARG A 21 1.12 16.77 -25.53
CA ARG A 21 -0.21 16.73 -26.14
C ARG A 21 -0.06 16.74 -27.65
N ARG A 22 -0.83 15.88 -28.31
CA ARG A 22 -0.87 15.86 -29.77
C ARG A 22 -1.85 16.93 -30.24
N THR A 23 -1.34 17.96 -30.92
CA THR A 23 -2.14 19.08 -31.37
C THR A 23 -2.20 19.09 -32.89
N PRO A 24 -3.39 18.95 -33.51
CA PRO A 24 -3.48 19.12 -34.97
C PRO A 24 -3.14 20.53 -35.43
N GLU A 34 2.43 18.47 -31.35
CA GLU A 34 2.03 17.18 -31.90
C GLU A 34 2.84 16.05 -31.24
N GLN A 35 2.51 15.75 -29.99
CA GLN A 35 3.14 14.71 -29.19
C GLN A 35 4.58 15.05 -28.85
N ASN A 36 4.99 16.30 -29.02
CA ASN A 36 6.31 16.74 -28.58
C ASN A 36 6.32 16.88 -27.08
N ILE A 37 7.27 16.21 -26.43
CA ILE A 37 7.29 16.14 -24.97
C ILE A 37 7.95 17.41 -24.44
N LYS A 38 7.34 17.99 -23.41
CA LYS A 38 7.80 19.22 -22.78
C LYS A 38 8.11 18.97 -21.31
N GLN A 39 9.29 19.40 -20.88
CA GLN A 39 9.72 19.24 -19.50
C GLN A 39 9.03 20.27 -18.61
N ILE A 40 8.43 19.81 -17.52
CA ILE A 40 7.78 20.73 -16.58
C ILE A 40 8.79 21.18 -15.54
N GLY A 41 9.35 20.24 -14.79
CA GLY A 41 10.33 20.60 -13.78
C GLY A 41 10.80 19.39 -13.01
N THR A 42 11.86 19.61 -12.25
CA THR A 42 12.51 18.56 -11.49
C THR A 42 12.33 18.78 -10.00
N PHE A 43 12.21 17.70 -9.25
CA PHE A 43 12.06 17.76 -7.81
C PHE A 43 12.92 16.68 -7.17
N ALA A 44 13.20 16.87 -5.88
CA ALA A 44 14.18 16.05 -5.17
C ALA A 44 13.71 15.51 -3.83
N SER A 45 12.58 15.97 -3.30
CA SER A 45 12.08 15.54 -2.00
C SER A 45 10.62 15.16 -2.12
N VAL A 46 10.10 14.50 -1.06
CA VAL A 46 8.69 14.14 -1.03
C VAL A 46 7.82 15.38 -1.00
N GLU A 47 8.20 16.37 -0.19
CA GLU A 47 7.46 17.62 -0.12
C GLU A 47 7.48 18.34 -1.47
N GLN A 48 8.63 18.32 -2.14
CA GLN A 48 8.73 18.93 -3.46
C GLN A 48 7.82 18.23 -4.46
N PHE A 49 7.73 16.90 -4.38
CA PHE A 49 6.83 16.17 -5.25
C PHE A 49 5.39 16.65 -5.09
N TRP A 50 4.92 16.74 -3.85
CA TRP A 50 3.52 17.11 -3.63
C TRP A 50 3.24 18.51 -4.14
N ARG A 51 4.23 19.41 -4.10
CA ARG A 51 4.03 20.76 -4.61
C ARG A 51 3.72 20.73 -6.10
N PHE A 52 4.42 19.88 -6.86
CA PHE A 52 4.13 19.72 -8.28
C PHE A 52 2.80 19.00 -8.48
N TYR A 53 2.70 17.78 -7.94
CA TYR A 53 1.57 16.91 -8.24
C TYR A 53 0.24 17.55 -7.83
N SER A 54 0.17 18.11 -6.63
CA SER A 54 -1.07 18.72 -6.17
C SER A 54 -1.47 19.94 -6.99
N HIS A 55 -0.59 20.45 -7.85
CA HIS A 55 -0.90 21.56 -8.73
C HIS A 55 -0.94 21.14 -10.19
N MET A 56 -1.03 19.84 -10.44
CA MET A 56 -1.22 19.31 -11.79
C MET A 56 -2.61 18.74 -11.91
N VAL A 57 -3.30 19.07 -13.00
CA VAL A 57 -4.60 18.49 -13.29
C VAL A 57 -4.45 16.98 -13.26
N ARG A 58 -5.50 16.27 -12.82
CA ARG A 58 -5.48 14.82 -12.82
C ARG A 58 -5.44 14.30 -14.26
N PRO A 59 -4.82 13.15 -14.49
CA PRO A 59 -4.81 12.59 -15.85
C PRO A 59 -6.21 12.47 -16.45
N GLY A 60 -7.17 11.95 -15.69
CA GLY A 60 -8.52 11.75 -16.19
C GLY A 60 -9.22 13.03 -16.58
N ASP A 61 -8.72 14.18 -16.15
CA ASP A 61 -9.28 15.47 -16.50
C ASP A 61 -8.52 16.16 -17.63
N LEU A 62 -7.62 15.44 -18.31
CA LEU A 62 -6.92 15.98 -19.46
C LEU A 62 -7.77 15.82 -20.71
N THR A 63 -7.73 16.83 -21.57
CA THR A 63 -8.47 16.82 -22.83
C THR A 63 -7.55 16.36 -23.95
N GLY A 64 -8.06 15.47 -24.80
CA GLY A 64 -7.35 15.08 -25.99
C GLY A 64 -6.26 14.06 -25.74
N HIS A 65 -5.40 13.93 -26.75
CA HIS A 65 -4.30 12.96 -26.78
C HIS A 65 -3.15 13.52 -25.95
N SER A 66 -3.23 13.30 -24.63
CA SER A 66 -2.31 13.90 -23.66
C SER A 66 -1.62 12.83 -22.84
N ASP A 67 -0.44 13.17 -22.33
CA ASP A 67 0.37 12.25 -21.52
C ASP A 67 1.10 13.03 -20.44
N PHE A 68 1.22 12.43 -19.27
CA PHE A 68 2.16 12.86 -18.24
C PHE A 68 3.30 11.85 -18.19
N HIS A 69 4.53 12.35 -18.03
CA HIS A 69 5.69 11.48 -17.83
C HIS A 69 6.37 11.89 -16.54
N LEU A 70 6.91 10.89 -15.85
CA LEU A 70 7.65 11.10 -14.60
C LEU A 70 8.85 10.18 -14.65
N PHE A 71 10.00 10.72 -15.04
CA PHE A 71 11.24 9.97 -15.17
C PHE A 71 12.31 10.54 -14.25
N LYS A 72 13.32 9.72 -13.97
CA LYS A 72 14.44 10.19 -13.19
C LYS A 72 15.10 11.36 -13.92
N GLU A 73 15.53 12.35 -13.16
CA GLU A 73 16.28 13.46 -13.74
C GLU A 73 17.39 12.91 -14.63
N GLY A 74 17.57 13.54 -15.78
CA GLY A 74 18.59 13.15 -16.73
C GLY A 74 18.19 12.06 -17.71
N ILE A 75 17.10 11.33 -17.44
CA ILE A 75 16.58 10.35 -18.37
C ILE A 75 15.52 11.02 -19.23
N LYS A 76 15.69 10.96 -20.54
CA LYS A 76 14.74 11.56 -21.45
C LYS A 76 13.58 10.58 -21.70
N PRO A 77 12.31 11.04 -21.64
CA PRO A 77 11.20 10.10 -21.78
C PRO A 77 10.94 9.66 -23.22
N MET A 78 11.95 9.70 -24.07
CA MET A 78 11.84 9.23 -25.44
C MET A 78 12.71 7.98 -25.63
N TRP A 79 12.47 7.27 -26.73
CA TRP A 79 13.18 6.03 -27.01
C TRP A 79 14.56 6.24 -27.65
N GLU A 80 14.95 7.48 -27.92
CA GLU A 80 16.30 7.76 -28.38
C GLU A 80 17.30 7.77 -27.24
N ASP A 81 16.85 8.05 -26.02
CA ASP A 81 17.72 8.01 -24.85
C ASP A 81 18.44 6.68 -24.76
N ASP A 82 19.68 6.71 -24.28
CA ASP A 82 20.49 5.50 -24.21
C ASP A 82 19.93 4.55 -23.15
N ALA A 83 19.53 5.08 -21.99
CA ALA A 83 18.99 4.23 -20.93
C ALA A 83 17.75 3.47 -21.38
N ASN A 84 17.13 3.88 -22.50
CA ASN A 84 15.92 3.24 -22.99
C ASN A 84 16.16 2.36 -24.22
N LYS A 85 17.32 2.45 -24.86
CA LYS A 85 17.58 1.62 -26.03
C LYS A 85 17.52 0.14 -25.69
N ASN A 86 17.99 -0.23 -24.50
CA ASN A 86 17.98 -1.62 -24.05
C ASN A 86 16.92 -1.88 -22.99
N GLY A 87 15.98 -0.96 -22.81
CA GLY A 87 14.96 -1.09 -21.80
C GLY A 87 13.60 -1.44 -22.39
N GLY A 88 12.66 -1.72 -21.48
CA GLY A 88 11.30 -2.01 -21.86
C GLY A 88 10.32 -1.33 -20.95
N LYS A 89 9.04 -1.62 -21.11
CA LYS A 89 8.01 -1.02 -20.28
C LYS A 89 6.83 -1.97 -20.16
N TRP A 90 6.24 -2.02 -18.97
CA TRP A 90 4.98 -2.71 -18.76
C TRP A 90 3.84 -1.75 -19.10
N ILE A 91 2.84 -2.26 -19.81
CA ILE A 91 1.74 -1.46 -20.30
C ILE A 91 0.44 -2.02 -19.74
N ILE A 92 -0.38 -1.15 -19.18
CA ILE A 92 -1.72 -1.50 -18.73
C ILE A 92 -2.68 -0.58 -19.46
N ARG A 93 -3.52 -1.17 -20.31
CA ARG A 93 -4.53 -0.42 -21.04
C ARG A 93 -5.83 -0.49 -20.23
N LEU A 94 -6.20 0.64 -19.64
CA LEU A 94 -7.29 0.73 -18.69
C LEU A 94 -8.55 1.29 -19.35
N ARG A 95 -9.69 0.84 -18.84
CA ARG A 95 -10.95 1.51 -19.15
C ARG A 95 -10.96 2.90 -18.53
N LYS A 96 -11.69 3.81 -19.16
CA LYS A 96 -11.77 5.18 -18.69
C LYS A 96 -12.23 5.21 -17.23
N GLY A 97 -11.70 6.19 -16.49
CA GLY A 97 -12.12 6.43 -15.12
C GLY A 97 -11.22 5.86 -14.06
N LEU A 98 -10.19 5.10 -14.44
CA LEU A 98 -9.29 4.46 -13.49
C LEU A 98 -7.89 5.04 -13.48
N ALA A 99 -7.49 5.78 -14.50
CA ALA A 99 -6.08 6.13 -14.67
C ALA A 99 -5.59 7.07 -13.58
N SER A 100 -6.43 8.01 -13.14
CA SER A 100 -5.95 8.99 -12.17
C SER A 100 -5.48 8.30 -10.89
N ARG A 101 -6.24 7.35 -10.39
CA ARG A 101 -5.85 6.65 -9.16
C ARG A 101 -4.65 5.74 -9.40
N CYS A 102 -4.61 5.09 -10.57
CA CYS A 102 -3.48 4.21 -10.86
C CYS A 102 -2.19 5.01 -11.03
N TRP A 103 -2.27 6.18 -11.67
CA TRP A 103 -1.12 7.06 -11.78
C TRP A 103 -0.58 7.42 -10.41
N GLU A 104 -1.46 7.86 -9.50
CA GLU A 104 -1.01 8.27 -8.18
C GLU A 104 -0.38 7.11 -7.44
N ASN A 105 -1.09 5.98 -7.35
CA ASN A 105 -0.54 4.82 -6.67
C ASN A 105 0.78 4.38 -7.28
N LEU A 106 0.89 4.44 -8.60
CA LEU A 106 2.12 4.04 -9.27
C LEU A 106 3.27 4.95 -8.89
N ILE A 107 3.08 6.26 -9.04
CA ILE A 107 4.20 7.16 -8.80
C ILE A 107 4.55 7.21 -7.31
N LEU A 108 3.56 7.03 -6.42
CA LEU A 108 3.88 6.92 -5.00
C LEU A 108 4.78 5.73 -4.74
N ALA A 109 4.48 4.58 -5.34
CA ALA A 109 5.30 3.39 -5.12
C ALA A 109 6.66 3.53 -5.79
N MET A 110 6.69 4.12 -6.98
CA MET A 110 7.97 4.35 -7.66
C MET A 110 8.84 5.32 -6.85
N LEU A 111 8.30 6.49 -6.52
CA LEU A 111 9.07 7.45 -5.74
C LEU A 111 9.45 6.88 -4.38
N GLY A 112 8.56 6.09 -3.78
CA GLY A 112 8.82 5.48 -2.49
C GLY A 112 9.85 4.36 -2.50
N GLU A 113 10.30 3.93 -3.69
CA GLU A 113 11.25 2.83 -3.82
C GLU A 113 10.66 1.51 -3.32
N GLN A 114 9.38 1.29 -3.59
CA GLN A 114 8.71 0.06 -3.17
C GLN A 114 8.78 -1.05 -4.22
N PHE A 115 9.37 -0.77 -5.39
CA PHE A 115 9.53 -1.81 -6.41
C PHE A 115 10.72 -2.73 -6.13
N MET A 116 11.73 -2.24 -5.40
CA MET A 116 12.80 -3.10 -4.89
C MET A 116 13.63 -3.70 -6.02
N VAL A 117 13.93 -2.92 -7.05
CA VAL A 117 14.68 -3.44 -8.20
C VAL A 117 15.92 -2.58 -8.46
N GLY A 118 16.57 -2.13 -7.39
CA GLY A 118 17.79 -1.36 -7.55
C GLY A 118 17.54 -0.06 -8.26
N GLU A 119 18.31 0.19 -9.32
CA GLU A 119 18.17 1.38 -10.14
C GLU A 119 17.50 1.09 -11.48
N GLU A 120 16.88 -0.08 -11.63
CA GLU A 120 16.35 -0.49 -12.92
C GLU A 120 15.21 0.40 -13.41
N ILE A 121 14.55 1.14 -12.53
CA ILE A 121 13.38 1.93 -12.91
C ILE A 121 13.83 3.20 -13.60
N CYS A 122 13.21 3.51 -14.75
CA CYS A 122 13.46 4.76 -15.47
C CYS A 122 12.39 5.81 -15.19
N GLY A 123 11.12 5.42 -15.24
CA GLY A 123 10.04 6.35 -14.97
C GLY A 123 8.71 5.71 -15.27
N ALA A 124 7.67 6.55 -15.20
CA ALA A 124 6.30 6.13 -15.41
C ALA A 124 5.61 7.10 -16.36
N VAL A 125 4.57 6.61 -17.05
CA VAL A 125 3.81 7.41 -17.99
C VAL A 125 2.34 7.07 -17.88
N VAL A 126 1.48 8.09 -17.83
CA VAL A 126 0.05 7.90 -17.97
C VAL A 126 -0.36 8.61 -19.26
N SER A 127 -1.00 7.86 -20.16
CA SER A 127 -1.42 8.38 -21.45
C SER A 127 -2.94 8.36 -21.52
N VAL A 128 -3.53 9.53 -21.73
CA VAL A 128 -4.97 9.70 -21.85
C VAL A 128 -5.33 9.69 -23.33
N ARG A 129 -6.22 8.78 -23.72
CA ARG A 129 -6.64 8.62 -25.11
C ARG A 129 -8.16 8.72 -25.19
N PHE A 130 -8.69 8.51 -26.39
CA PHE A 130 -10.11 8.78 -26.63
C PHE A 130 -11.01 7.91 -25.76
N GLN A 131 -10.83 6.58 -25.85
CA GLN A 131 -11.72 5.65 -25.17
C GLN A 131 -10.95 4.66 -24.30
N GLU A 132 -9.73 5.00 -23.91
CA GLU A 132 -8.94 4.19 -23.01
C GLU A 132 -7.81 5.04 -22.46
N ASP A 133 -7.28 4.63 -21.32
CA ASP A 133 -6.10 5.21 -20.72
C ASP A 133 -5.03 4.13 -20.63
N ILE A 134 -3.77 4.56 -20.66
CA ILE A 134 -2.65 3.64 -20.72
C ILE A 134 -1.64 4.04 -19.65
N ILE A 135 -1.45 3.17 -18.66
CA ILE A 135 -0.42 3.31 -17.62
C ILE A 135 0.77 2.45 -18.01
N SER A 136 1.98 2.99 -17.88
CA SER A 136 3.17 2.20 -18.15
C SER A 136 4.29 2.59 -17.20
N ILE A 137 5.26 1.71 -17.08
CA ILE A 137 6.46 1.96 -16.29
C ILE A 137 7.66 1.37 -17.02
N TRP A 138 8.72 2.14 -17.15
CA TRP A 138 9.88 1.75 -17.95
C TRP A 138 11.02 1.30 -17.03
N ASN A 139 11.76 0.29 -17.48
CA ASN A 139 12.92 -0.19 -16.74
C ASN A 139 14.13 -0.25 -17.66
N LYS A 140 15.32 -0.27 -17.04
CA LYS A 140 16.56 -0.05 -17.76
C LYS A 140 16.84 -1.15 -18.78
N THR A 141 16.81 -2.40 -18.35
CA THR A 141 17.23 -3.54 -19.15
C THR A 141 16.03 -4.41 -19.44
N ALA A 142 15.66 -4.51 -20.71
CA ALA A 142 14.51 -5.33 -21.07
C ALA A 142 14.83 -6.81 -20.95
N SER A 143 16.06 -7.21 -21.31
CA SER A 143 16.45 -8.60 -21.21
C SER A 143 16.45 -9.10 -19.76
N ASP A 144 16.45 -8.20 -18.79
CA ASP A 144 16.45 -8.56 -17.37
C ASP A 144 15.09 -9.15 -17.03
N GLN A 145 14.93 -10.44 -17.38
CA GLN A 145 13.70 -11.15 -17.03
C GLN A 145 13.46 -11.17 -15.53
N ALA A 146 14.53 -11.14 -14.74
CA ALA A 146 14.38 -11.11 -13.28
C ALA A 146 13.71 -9.83 -12.83
N THR A 147 14.13 -8.68 -13.37
CA THR A 147 13.52 -7.42 -12.99
C THR A 147 12.14 -7.27 -13.60
N THR A 148 11.97 -7.69 -14.85
CA THR A 148 10.68 -7.56 -15.51
C THR A 148 9.59 -8.31 -14.75
N ALA A 149 9.94 -9.45 -14.16
CA ALA A 149 8.94 -10.22 -13.42
C ALA A 149 8.60 -9.56 -12.09
N ARG A 150 9.61 -9.10 -11.36
CA ARG A 150 9.35 -8.41 -10.10
C ARG A 150 8.46 -7.20 -10.31
N ILE A 151 8.79 -6.37 -11.30
CA ILE A 151 7.98 -5.19 -11.57
C ILE A 151 6.53 -5.58 -11.84
N ARG A 152 6.32 -6.63 -12.63
CA ARG A 152 4.96 -7.05 -12.94
C ARG A 152 4.20 -7.40 -11.65
N ASP A 153 4.77 -8.29 -10.85
CA ASP A 153 4.10 -8.67 -9.61
C ASP A 153 3.89 -7.46 -8.71
N THR A 154 4.81 -6.49 -8.74
CA THR A 154 4.65 -5.31 -7.90
C THR A 154 3.49 -4.45 -8.39
N LEU A 155 3.43 -4.19 -9.70
CA LEU A 155 2.30 -3.46 -10.25
C LEU A 155 0.99 -4.09 -9.81
N ARG A 156 0.89 -5.41 -9.94
CA ARG A 156 -0.33 -6.11 -9.54
C ARG A 156 -0.76 -5.71 -8.13
N ARG A 157 0.16 -5.79 -7.17
CA ARG A 157 -0.19 -5.49 -5.78
C ARG A 157 -0.36 -4.00 -5.57
N VAL A 158 0.48 -3.19 -6.19
CA VAL A 158 0.51 -1.75 -5.89
C VAL A 158 -0.68 -1.03 -6.52
N LEU A 159 -1.09 -1.45 -7.71
CA LEU A 159 -2.27 -0.89 -8.34
C LEU A 159 -3.56 -1.65 -8.01
N ASN A 160 -3.46 -2.72 -7.22
CA ASN A 160 -4.63 -3.52 -6.85
C ASN A 160 -5.38 -3.99 -8.10
N LEU A 161 -4.65 -4.66 -8.97
CA LEU A 161 -5.23 -5.14 -10.21
C LEU A 161 -5.95 -6.47 -9.98
N PRO A 162 -7.18 -6.62 -10.48
CA PRO A 162 -7.83 -7.94 -10.42
C PRO A 162 -6.95 -9.01 -11.02
N PRO A 163 -7.10 -10.26 -10.59
CA PRO A 163 -6.13 -11.30 -10.98
C PRO A 163 -5.93 -11.43 -12.48
N ASN A 164 -7.00 -11.33 -13.27
CA ASN A 164 -6.93 -11.57 -14.70
C ASN A 164 -6.61 -10.32 -15.52
N THR A 165 -6.14 -9.25 -14.88
CA THR A 165 -5.84 -8.02 -15.62
C THR A 165 -4.77 -8.27 -16.67
N ILE A 166 -5.01 -7.74 -17.88
CA ILE A 166 -4.09 -7.92 -19.00
C ILE A 166 -3.00 -6.85 -18.94
N MET A 167 -1.75 -7.29 -19.00
CA MET A 167 -0.59 -6.41 -19.02
C MET A 167 0.35 -6.88 -20.12
N GLU A 168 1.02 -5.93 -20.78
CA GLU A 168 1.94 -6.23 -21.84
C GLU A 168 3.29 -5.58 -21.56
N TYR A 169 4.37 -6.32 -21.82
CA TYR A 169 5.73 -5.80 -21.72
C TYR A 169 6.27 -5.62 -23.13
N LYS A 170 6.47 -4.37 -23.54
CA LYS A 170 6.98 -4.06 -24.85
C LYS A 170 8.45 -3.68 -24.77
N THR A 171 9.21 -4.09 -25.78
CA THR A 171 10.59 -3.71 -25.97
C THR A 171 10.73 -3.02 -27.33
N HIS A 172 11.96 -2.63 -27.66
CA HIS A 172 12.23 -1.97 -28.92
C HIS A 172 12.69 -2.93 -30.01
N THR A 173 13.00 -4.17 -29.65
CA THR A 173 13.43 -5.17 -30.63
C THR A 173 12.29 -6.15 -30.92
N LYS B 7 20.84 -4.05 -5.47
CA LYS B 7 21.02 -2.73 -4.86
C LYS B 7 19.86 -2.40 -3.93
N LEU B 8 20.17 -1.77 -2.80
CA LEU B 8 19.17 -1.42 -1.79
C LEU B 8 18.99 0.09 -1.73
N ALA B 9 17.76 0.52 -1.48
CA ALA B 9 17.42 1.93 -1.44
C ALA B 9 17.64 2.49 -0.04
N ASP B 10 18.23 3.70 0.02
CA ASP B 10 18.46 4.38 1.28
C ASP B 10 17.32 5.30 1.68
N TYR B 11 16.47 5.69 0.74
CA TYR B 11 15.36 6.59 1.00
C TYR B 11 14.09 5.86 0.56
N ARG B 12 13.34 5.35 1.55
CA ARG B 12 12.18 4.52 1.29
C ARG B 12 10.99 5.11 2.04
N TYR B 13 9.86 5.20 1.35
CA TYR B 13 8.63 5.72 1.94
C TYR B 13 7.47 4.84 1.52
N GLY B 14 6.83 4.22 2.50
CA GLY B 14 5.58 3.52 2.24
C GLY B 14 4.49 4.50 1.84
N ARG B 15 3.37 3.93 1.38
CA ARG B 15 2.25 4.74 0.90
C ARG B 15 1.80 5.73 1.98
N GLU B 16 1.55 5.25 3.19
CA GLU B 16 1.07 6.14 4.25
C GLU B 16 2.09 7.22 4.57
N GLU B 17 3.39 6.90 4.50
CA GLU B 17 4.41 7.89 4.76
C GLU B 17 4.37 9.00 3.70
N MET B 18 4.31 8.62 2.42
CA MET B 18 4.15 9.61 1.36
C MET B 18 2.96 10.51 1.65
N LEU B 19 1.83 9.91 2.03
CA LEU B 19 0.62 10.68 2.28
C LEU B 19 0.73 11.51 3.54
N ALA B 20 1.35 10.97 4.58
CA ALA B 20 1.57 11.73 5.81
C ALA B 20 2.28 13.04 5.51
N LEU B 21 3.14 13.06 4.51
CA LEU B 21 3.98 14.22 4.21
C LEU B 21 3.34 15.19 3.23
N PHE B 22 2.09 14.96 2.82
CA PHE B 22 1.38 15.92 2.00
C PHE B 22 0.92 17.10 2.84
N LEU B 23 1.06 18.30 2.29
CA LEU B 23 0.58 19.51 2.95
C LEU B 23 0.04 20.45 1.88
N LYS B 24 -1.17 20.97 2.11
CA LYS B 24 -1.74 21.96 1.22
C LYS B 24 -0.85 23.20 1.18
N ASP B 25 -0.21 23.42 0.04
CA ASP B 25 0.64 24.58 -0.17
C ASP B 25 0.10 25.31 -1.40
N ASN B 26 -0.59 26.43 -1.18
CA ASN B 26 -1.14 27.20 -2.29
C ASN B 26 -0.06 27.80 -3.18
N LYS B 27 1.20 27.79 -2.73
CA LYS B 27 2.29 28.31 -3.56
C LYS B 27 2.55 27.35 -4.72
N ILE B 28 2.34 27.85 -5.94
CA ILE B 28 2.48 27.04 -7.15
C ILE B 28 3.94 27.05 -7.57
N PRO B 29 4.55 25.90 -7.84
CA PRO B 29 5.94 25.90 -8.34
C PRO B 29 6.07 26.72 -9.60
N SER B 30 7.04 27.64 -9.61
CA SER B 30 7.23 28.53 -10.75
C SER B 30 7.24 27.76 -12.07
N ASP B 31 7.84 26.58 -12.07
CA ASP B 31 7.88 25.77 -13.29
C ASP B 31 6.50 25.58 -13.88
N LEU B 32 5.47 25.45 -13.04
CA LEU B 32 4.11 25.21 -13.51
C LEU B 32 3.39 26.48 -13.91
N LEU B 33 3.94 27.65 -13.62
CA LEU B 33 3.33 28.91 -14.04
C LEU B 33 3.73 29.29 -15.47
N ASP B 34 4.50 28.44 -16.15
CA ASP B 34 4.77 28.66 -17.56
C ASP B 34 3.45 28.61 -18.34
N LYS B 35 3.37 29.44 -19.39
CA LYS B 35 2.12 29.54 -20.14
C LYS B 35 1.80 28.24 -20.87
N GLU B 36 2.81 27.49 -21.31
CA GLU B 36 2.54 26.26 -22.04
C GLU B 36 1.97 25.16 -21.16
N PHE B 37 1.87 25.36 -19.85
CA PHE B 37 1.27 24.37 -18.95
C PHE B 37 -0.05 24.84 -18.38
N LEU B 38 -0.62 25.93 -18.90
CA LEU B 38 -1.95 26.34 -18.48
C LEU B 38 -3.00 25.24 -18.63
N PRO B 39 -3.00 24.43 -19.69
CA PRO B 39 -4.01 23.36 -19.79
C PRO B 39 -3.97 22.36 -18.65
N ILE B 40 -2.83 22.23 -17.95
CA ILE B 40 -2.69 21.22 -16.90
C ILE B 40 -2.52 21.84 -15.52
N LEU B 41 -2.50 23.17 -15.41
CA LEU B 41 -2.27 23.79 -14.12
C LEU B 41 -3.50 23.65 -13.24
N GLN B 42 -3.30 23.18 -12.02
CA GLN B 42 -4.33 23.15 -10.98
C GLN B 42 -3.96 24.23 -9.97
N GLU B 43 -4.71 25.33 -9.98
CA GLU B 43 -4.36 26.45 -9.11
C GLU B 43 -4.57 26.11 -7.65
N GLU B 44 -5.79 25.77 -7.27
CA GLU B 44 -6.05 25.35 -5.90
C GLU B 44 -5.45 23.97 -5.67
N PRO B 45 -4.57 23.79 -4.69
CA PRO B 45 -3.93 22.48 -4.51
C PRO B 45 -4.95 21.42 -4.14
N LEU B 46 -4.78 20.23 -4.72
CA LEU B 46 -5.70 19.13 -4.49
C LEU B 46 -5.11 18.11 -3.52
N PRO B 47 -5.88 17.59 -2.57
CA PRO B 47 -5.38 16.50 -1.74
C PRO B 47 -5.19 15.24 -2.55
N PRO B 48 -4.38 14.29 -2.07
CA PRO B 48 -4.20 13.04 -2.81
C PRO B 48 -5.53 12.33 -3.02
N LEU B 49 -5.68 11.73 -4.20
CA LEU B 49 -6.82 10.87 -4.45
C LEU B 49 -6.91 9.75 -3.43
N ALA B 50 -5.77 9.36 -2.83
CA ALA B 50 -5.79 8.31 -1.82
C ALA B 50 -6.75 8.62 -0.69
N LEU B 51 -6.96 9.91 -0.38
CA LEU B 51 -7.88 10.30 0.69
C LEU B 51 -9.33 10.29 0.25
N VAL B 52 -9.60 10.21 -1.05
CA VAL B 52 -10.95 10.16 -1.58
C VAL B 52 -11.42 8.72 -1.55
N PRO B 53 -12.51 8.38 -0.86
CA PRO B 53 -13.03 7.01 -0.91
C PRO B 53 -13.50 6.64 -2.31
N PHE B 54 -13.49 5.34 -2.60
CA PHE B 54 -14.05 4.82 -3.84
C PHE B 54 -15.55 5.07 -3.91
N THR B 55 -16.04 5.29 -5.12
CA THR B 55 -17.46 5.19 -5.38
C THR B 55 -17.85 3.72 -5.52
N GLU B 56 -19.15 3.48 -5.73
CA GLU B 56 -19.58 2.11 -5.99
C GLU B 56 -19.02 1.60 -7.32
N GLU B 57 -18.95 2.47 -8.33
CA GLU B 57 -18.40 2.07 -9.61
C GLU B 57 -16.91 1.79 -9.51
N GLU B 58 -16.15 2.73 -8.96
CA GLU B 58 -14.72 2.51 -8.78
C GLU B 58 -14.45 1.20 -8.07
N GLN B 59 -15.21 0.91 -7.01
CA GLN B 59 -15.04 -0.33 -6.27
C GLN B 59 -15.26 -1.54 -7.17
N ARG B 60 -16.35 -1.53 -7.95
CA ARG B 60 -16.62 -2.65 -8.84
C ARG B 60 -15.50 -2.82 -9.86
N ASN B 61 -15.11 -1.73 -10.52
CA ASN B 61 -14.11 -1.81 -11.58
C ASN B 61 -12.77 -2.31 -11.05
N PHE B 62 -12.23 -1.64 -10.03
CA PHE B 62 -10.96 -2.09 -9.46
C PHE B 62 -11.03 -3.49 -8.91
N SER B 63 -12.23 -3.99 -8.59
CA SER B 63 -12.38 -5.33 -8.01
C SER B 63 -12.52 -6.43 -9.06
N MET B 64 -13.05 -6.10 -10.24
CA MET B 64 -13.39 -7.12 -11.23
C MET B 64 -12.72 -6.90 -12.58
N SER B 65 -12.82 -5.70 -13.16
CA SER B 65 -12.36 -5.49 -14.53
C SER B 65 -11.87 -4.06 -14.68
N VAL B 66 -10.61 -3.91 -15.06
CA VAL B 66 -10.02 -2.59 -15.27
C VAL B 66 -9.57 -2.37 -16.71
N ASN B 67 -9.44 -3.41 -17.52
CA ASN B 67 -8.91 -3.25 -18.86
C ASN B 67 -9.92 -2.57 -19.76
N SER B 68 -9.40 -1.80 -20.73
CA SER B 68 -10.27 -1.18 -21.71
C SER B 68 -10.90 -2.25 -22.61
N ALA B 69 -12.02 -1.89 -23.21
CA ALA B 69 -12.63 -2.79 -24.19
C ALA B 69 -11.71 -3.00 -25.38
N ALA B 70 -10.94 -1.98 -25.75
CA ALA B 70 -10.07 -2.08 -26.91
C ALA B 70 -9.04 -3.18 -26.74
N VAL B 71 -8.39 -3.25 -25.57
CA VAL B 71 -7.37 -4.29 -25.36
C VAL B 71 -8.03 -5.65 -25.21
N LEU B 72 -9.24 -5.69 -24.64
CA LEU B 72 -9.95 -6.96 -24.54
C LEU B 72 -10.43 -7.43 -25.89
N ARG B 73 -10.57 -6.51 -26.86
CA ARG B 73 -11.04 -6.87 -28.17
C ARG B 73 -10.02 -7.69 -28.95
N LEU B 74 -8.76 -7.66 -28.54
CA LEU B 74 -7.69 -8.42 -29.20
C LEU B 74 -7.58 -9.84 -28.68
N THR B 75 -7.58 -9.99 -27.35
CA THR B 75 -7.45 -11.28 -26.70
C THR B 75 -8.41 -12.32 -27.29
N GLU C 6 20.89 -12.71 12.58
CA GLU C 6 22.09 -12.20 11.94
C GLU C 6 21.75 -11.32 10.73
N ALA C 7 22.09 -10.03 10.82
CA ALA C 7 21.86 -9.07 9.74
C ALA C 7 20.37 -8.94 9.44
N GLU C 8 19.55 -8.93 10.49
CA GLU C 8 18.12 -8.83 10.33
C GLU C 8 17.69 -7.36 10.29
N HIS C 9 16.39 -7.12 10.22
CA HIS C 9 15.84 -5.78 10.06
C HIS C 9 14.99 -5.41 11.26
N PRO C 10 15.47 -4.54 12.17
CA PRO C 10 14.72 -4.30 13.42
C PRO C 10 13.36 -3.69 13.16
N LEU C 11 12.42 -4.00 14.05
CA LEU C 11 11.18 -3.26 14.17
C LEU C 11 11.36 -2.12 15.16
N GLN C 12 10.61 -1.05 14.97
CA GLN C 12 10.70 0.07 15.91
C GLN C 12 10.40 -0.39 17.34
N TYR C 13 9.58 -1.42 17.49
CA TYR C 13 9.26 -1.99 18.79
C TYR C 13 9.35 -3.50 18.72
N ASN C 14 9.63 -4.12 19.85
CA ASN C 14 9.40 -5.55 19.98
C ASN C 14 7.91 -5.80 20.05
N TYR C 15 7.48 -6.96 19.56
CA TYR C 15 6.09 -7.36 19.64
C TYR C 15 5.98 -8.77 20.20
N THR C 16 4.81 -9.08 20.75
CA THR C 16 4.53 -10.35 21.38
C THR C 16 3.21 -10.90 20.85
N PHE C 17 3.25 -12.14 20.34
CA PHE C 17 2.02 -12.84 19.95
C PHE C 17 1.40 -13.51 21.17
N TRP C 18 0.08 -13.43 21.26
CA TRP C 18 -0.69 -14.12 22.29
C TRP C 18 -1.83 -14.89 21.63
N TYR C 19 -2.18 -16.03 22.22
CA TYR C 19 -3.24 -16.88 21.71
C TYR C 19 -4.18 -17.24 22.85
N SER C 20 -5.48 -17.14 22.60
CA SER C 20 -6.48 -17.52 23.59
C SER C 20 -7.58 -18.30 22.88
N ARG C 21 -8.17 -19.24 23.62
CA ARG C 21 -9.26 -20.07 23.11
C ARG C 21 -10.18 -20.42 24.27
N ARG C 22 -11.49 -20.27 24.06
CA ARG C 22 -12.45 -20.46 25.14
C ARG C 22 -12.44 -21.89 25.66
N THR C 23 -12.36 -22.87 24.77
CA THR C 23 -12.41 -24.29 25.12
C THR C 23 -13.35 -24.59 26.29
N ASN C 36 -8.57 -18.40 28.58
CA ASN C 36 -7.25 -18.09 29.12
C ASN C 36 -6.28 -17.73 27.99
N ILE C 37 -5.70 -16.55 28.07
CA ILE C 37 -4.77 -16.10 27.05
C ILE C 37 -3.37 -16.61 27.37
N LYS C 38 -2.61 -16.91 26.31
CA LYS C 38 -1.30 -17.52 26.43
C LYS C 38 -0.32 -16.72 25.58
N GLN C 39 0.81 -16.35 26.19
CA GLN C 39 1.89 -15.73 25.43
C GLN C 39 2.56 -16.78 24.55
N ILE C 40 2.67 -16.47 23.26
CA ILE C 40 3.37 -17.33 22.33
C ILE C 40 4.86 -17.00 22.36
N GLY C 41 5.21 -15.79 21.97
CA GLY C 41 6.61 -15.40 21.96
C GLY C 41 6.78 -13.99 21.46
N THR C 42 7.99 -13.46 21.68
CA THR C 42 8.30 -12.09 21.35
C THR C 42 9.33 -12.07 20.24
N PHE C 43 9.22 -11.06 19.37
CA PHE C 43 10.15 -10.90 18.27
C PHE C 43 10.50 -9.43 18.13
N ALA C 44 11.61 -9.17 17.43
CA ALA C 44 12.15 -7.82 17.35
C ALA C 44 12.51 -7.38 15.95
N SER C 45 12.46 -8.26 14.95
CA SER C 45 12.80 -7.92 13.58
C SER C 45 11.69 -8.36 12.64
N VAL C 46 11.78 -7.90 11.39
CA VAL C 46 10.83 -8.31 10.36
C VAL C 46 10.96 -9.80 10.07
N GLU C 47 12.20 -10.31 10.02
CA GLU C 47 12.42 -11.72 9.74
C GLU C 47 11.91 -12.61 10.86
N GLN C 48 12.06 -12.17 12.12
CA GLN C 48 11.54 -12.96 13.22
C GLN C 48 10.02 -12.94 13.25
N PHE C 49 9.43 -11.79 12.90
CA PHE C 49 7.98 -11.74 12.74
C PHE C 49 7.51 -12.79 11.74
N TRP C 50 8.20 -12.88 10.60
CA TRP C 50 7.76 -13.81 9.56
C TRP C 50 7.86 -15.25 10.04
N ARG C 51 8.88 -15.56 10.84
CA ARG C 51 8.99 -16.93 11.35
C ARG C 51 7.81 -17.28 12.26
N PHE C 52 7.35 -16.32 13.05
CA PHE C 52 6.17 -16.55 13.88
C PHE C 52 4.92 -16.62 13.02
N TYR C 53 4.65 -15.57 12.23
CA TYR C 53 3.39 -15.49 11.50
C TYR C 53 3.27 -16.64 10.49
N SER C 54 4.32 -16.88 9.71
CA SER C 54 4.23 -17.89 8.65
C SER C 54 4.11 -19.29 9.22
N HIS C 55 4.40 -19.49 10.50
CA HIS C 55 4.20 -20.77 11.16
C HIS C 55 3.01 -20.73 12.12
N MET C 56 2.11 -19.77 11.93
CA MET C 56 0.84 -19.72 12.63
C MET C 56 -0.28 -19.95 11.64
N VAL C 57 -1.23 -20.81 12.01
CA VAL C 57 -2.44 -20.98 11.22
C VAL C 57 -3.10 -19.62 11.01
N ARG C 58 -3.81 -19.47 9.89
CA ARG C 58 -4.51 -18.22 9.64
C ARG C 58 -5.69 -18.09 10.60
N PRO C 59 -6.07 -16.86 10.97
CA PRO C 59 -7.27 -16.72 11.82
C PRO C 59 -8.51 -17.35 11.20
N GLY C 60 -8.67 -17.25 9.88
CA GLY C 60 -9.83 -17.83 9.23
C GLY C 60 -9.93 -19.33 9.37
N ASP C 61 -8.80 -20.01 9.62
CA ASP C 61 -8.77 -21.44 9.76
C ASP C 61 -8.85 -21.90 11.21
N LEU C 62 -9.10 -20.98 12.13
CA LEU C 62 -9.32 -21.34 13.53
C LEU C 62 -10.77 -21.77 13.75
N THR C 63 -11.01 -22.41 14.88
CA THR C 63 -12.33 -22.87 15.27
C THR C 63 -12.64 -22.40 16.69
N GLY C 64 -13.92 -22.26 16.98
CA GLY C 64 -14.35 -21.88 18.30
C GLY C 64 -14.18 -20.39 18.56
N HIS C 65 -14.11 -20.07 19.85
CA HIS C 65 -13.97 -18.69 20.32
C HIS C 65 -12.48 -18.44 20.55
N SER C 66 -11.78 -18.14 19.46
CA SER C 66 -10.33 -18.06 19.44
C SER C 66 -9.85 -16.68 18.99
N ASP C 67 -8.75 -16.22 19.57
CA ASP C 67 -8.22 -14.89 19.31
C ASP C 67 -6.70 -14.95 19.19
N PHE C 68 -6.17 -14.26 18.19
CA PHE C 68 -4.76 -13.92 18.14
C PHE C 68 -4.60 -12.47 18.59
N HIS C 69 -3.64 -12.22 19.47
CA HIS C 69 -3.30 -10.87 19.90
C HIS C 69 -1.85 -10.61 19.57
N LEU C 70 -1.56 -9.40 19.11
CA LEU C 70 -0.20 -8.98 18.75
C LEU C 70 -0.03 -7.57 19.30
N PHE C 71 0.72 -7.45 20.40
CA PHE C 71 0.88 -6.21 21.12
C PHE C 71 2.36 -5.92 21.32
N LYS C 72 2.66 -4.64 21.57
CA LYS C 72 4.02 -4.28 21.88
C LYS C 72 4.48 -5.01 23.13
N GLU C 73 5.76 -5.37 23.16
CA GLU C 73 6.34 -6.01 24.34
C GLU C 73 6.02 -5.17 25.57
N GLY C 74 5.65 -5.86 26.65
CA GLY C 74 5.36 -5.21 27.91
C GLY C 74 3.92 -4.77 28.07
N ILE C 75 3.13 -4.73 27.00
CA ILE C 75 1.73 -4.34 27.07
C ILE C 75 0.89 -5.60 27.19
N LYS C 76 0.07 -5.64 28.24
CA LYS C 76 -0.79 -6.80 28.49
C LYS C 76 -2.04 -6.69 27.64
N PRO C 77 -2.41 -7.73 26.92
CA PRO C 77 -3.49 -7.60 25.93
C PRO C 77 -4.87 -7.82 26.53
N MET C 78 -5.00 -7.64 27.84
CA MET C 78 -6.28 -7.80 28.51
C MET C 78 -7.02 -6.47 28.52
N TRP C 79 -8.27 -6.50 28.07
CA TRP C 79 -9.08 -5.29 27.98
C TRP C 79 -9.44 -4.75 29.35
N GLU C 80 -9.47 -5.59 30.38
CA GLU C 80 -9.84 -5.17 31.73
C GLU C 80 -8.62 -4.94 32.62
N ASP C 81 -7.42 -4.93 32.07
CA ASP C 81 -6.23 -4.73 32.87
C ASP C 81 -6.03 -3.25 33.17
N ASP C 82 -5.50 -2.96 34.36
CA ASP C 82 -5.35 -1.57 34.80
C ASP C 82 -4.45 -0.78 33.85
N ALA C 83 -3.52 -1.43 33.16
CA ALA C 83 -2.58 -0.72 32.29
C ALA C 83 -3.31 0.01 31.17
N ASN C 84 -4.28 -0.65 30.54
CA ASN C 84 -5.03 -0.09 29.42
C ASN C 84 -6.22 0.75 29.88
N LYS C 85 -6.17 1.30 31.09
CA LYS C 85 -7.35 1.92 31.68
C LYS C 85 -7.84 3.11 30.85
N ASN C 86 -6.92 3.85 30.23
CA ASN C 86 -7.27 5.02 29.44
C ASN C 86 -7.24 4.73 27.95
N GLY C 87 -7.23 3.46 27.55
CA GLY C 87 -7.09 3.09 26.15
C GLY C 87 -8.41 2.97 25.42
N GLY C 88 -8.31 2.65 24.14
CA GLY C 88 -9.46 2.46 23.28
C GLY C 88 -9.03 1.64 22.07
N LYS C 89 -10.02 1.24 21.29
CA LYS C 89 -9.74 0.40 20.13
C LYS C 89 -10.81 0.64 19.06
N TRP C 90 -10.36 0.66 17.80
CA TRP C 90 -11.27 0.60 16.66
C TRP C 90 -11.62 -0.86 16.38
N ILE C 91 -12.88 -1.10 16.05
CA ILE C 91 -13.41 -2.45 15.89
C ILE C 91 -14.04 -2.57 14.51
N ILE C 92 -13.80 -3.70 13.85
CA ILE C 92 -14.41 -4.01 12.58
C ILE C 92 -14.97 -5.42 12.70
N ARG C 93 -16.30 -5.53 12.65
CA ARG C 93 -16.98 -6.82 12.71
C ARG C 93 -17.24 -7.30 11.29
N LEU C 94 -16.62 -8.43 10.94
CA LEU C 94 -16.54 -8.89 9.56
C LEU C 94 -17.30 -10.20 9.38
N ARG C 95 -17.82 -10.38 8.17
CA ARG C 95 -18.33 -11.69 7.78
C ARG C 95 -17.16 -12.67 7.65
N LYS C 96 -17.47 -13.95 7.73
CA LYS C 96 -16.44 -14.96 7.65
C LYS C 96 -15.73 -14.88 6.31
N GLY C 97 -14.43 -15.20 6.32
CA GLY C 97 -13.64 -15.30 5.11
C GLY C 97 -12.81 -14.09 4.77
N LEU C 98 -12.91 -13.01 5.55
CA LEU C 98 -12.13 -11.81 5.33
C LEU C 98 -11.04 -11.56 6.37
N ALA C 99 -11.11 -12.23 7.53
CA ALA C 99 -10.24 -11.87 8.65
C ALA C 99 -8.78 -12.16 8.33
N SER C 100 -8.50 -13.27 7.64
CA SER C 100 -7.12 -13.65 7.36
C SER C 100 -6.36 -12.52 6.65
N ARG C 101 -6.89 -12.05 5.53
CA ARG C 101 -6.19 -11.01 4.79
C ARG C 101 -6.21 -9.69 5.56
N CYS C 102 -7.33 -9.34 6.17
CA CYS C 102 -7.41 -8.12 6.96
C CYS C 102 -6.41 -8.15 8.10
N TRP C 103 -6.20 -9.33 8.70
CA TRP C 103 -5.26 -9.47 9.80
C TRP C 103 -3.83 -9.26 9.33
N GLU C 104 -3.47 -9.89 8.21
CA GLU C 104 -2.13 -9.71 7.65
C GLU C 104 -1.90 -8.25 7.26
N ASN C 105 -2.84 -7.67 6.50
CA ASN C 105 -2.69 -6.28 6.10
C ASN C 105 -2.52 -5.37 7.31
N LEU C 106 -3.32 -5.60 8.36
CA LEU C 106 -3.26 -4.72 9.52
C LEU C 106 -1.90 -4.81 10.21
N ILE C 107 -1.39 -6.02 10.41
CA ILE C 107 -0.19 -6.19 11.23
C ILE C 107 1.04 -5.81 10.44
N LEU C 108 1.02 -5.94 9.12
CA LEU C 108 2.10 -5.40 8.31
C LEU C 108 2.17 -3.88 8.43
N ALA C 109 1.01 -3.24 8.46
CA ALA C 109 0.97 -1.79 8.62
C ALA C 109 1.43 -1.38 10.00
N MET C 110 0.94 -2.07 11.04
CA MET C 110 1.34 -1.75 12.40
C MET C 110 2.83 -1.95 12.61
N LEU C 111 3.34 -3.14 12.26
CA LEU C 111 4.74 -3.42 12.49
C LEU C 111 5.63 -2.50 11.66
N GLY C 112 5.19 -2.15 10.44
CA GLY C 112 5.90 -1.27 9.53
C GLY C 112 5.87 0.19 9.89
N GLU C 113 5.19 0.56 10.99
CA GLU C 113 5.10 1.94 11.45
C GLU C 113 4.39 2.84 10.44
N GLN C 114 3.42 2.29 9.71
CA GLN C 114 2.67 3.06 8.72
C GLN C 114 1.49 3.81 9.29
N PHE C 115 1.33 3.82 10.61
CA PHE C 115 0.20 4.52 11.22
C PHE C 115 0.52 5.96 11.62
N MET C 116 1.79 6.30 11.83
CA MET C 116 2.21 7.69 11.96
C MET C 116 1.55 8.38 13.15
N VAL C 117 1.58 7.71 14.31
CA VAL C 117 0.97 8.24 15.52
C VAL C 117 1.90 8.07 16.71
N GLY C 118 3.20 8.17 16.45
CA GLY C 118 4.17 8.08 17.53
C GLY C 118 4.07 6.74 18.22
N GLU C 119 3.85 6.77 19.54
CA GLU C 119 3.81 5.57 20.36
C GLU C 119 2.39 5.15 20.73
N GLU C 120 1.39 5.76 20.12
CA GLU C 120 0.00 5.58 20.56
C GLU C 120 -0.52 4.16 20.32
N ILE C 121 0.07 3.41 19.40
CA ILE C 121 -0.42 2.08 19.08
C ILE C 121 0.02 1.11 20.17
N CYS C 122 -0.94 0.31 20.67
CA CYS C 122 -0.66 -0.72 21.66
C CYS C 122 -0.59 -2.12 21.05
N GLY C 123 -1.47 -2.43 20.12
CA GLY C 123 -1.47 -3.74 19.49
C GLY C 123 -2.75 -3.94 18.69
N ALA C 124 -2.84 -5.12 18.10
CA ALA C 124 -4.01 -5.52 17.31
C ALA C 124 -4.49 -6.90 17.73
N VAL C 125 -5.78 -7.15 17.47
CA VAL C 125 -6.41 -8.42 17.80
C VAL C 125 -7.27 -8.85 16.62
N VAL C 126 -7.36 -10.17 16.42
CA VAL C 126 -8.35 -10.75 15.51
C VAL C 126 -9.11 -11.82 16.29
N SER C 127 -10.43 -11.67 16.38
CA SER C 127 -11.29 -12.56 17.15
C SER C 127 -12.21 -13.33 16.20
N VAL C 128 -12.09 -14.65 16.22
CA VAL C 128 -12.89 -15.53 15.38
C VAL C 128 -14.06 -16.04 16.21
N ARG C 129 -15.28 -15.66 15.83
CA ARG C 129 -16.49 -16.00 16.56
C ARG C 129 -17.37 -16.93 15.74
N PHE C 130 -18.53 -17.28 16.30
CA PHE C 130 -19.40 -18.27 15.67
C PHE C 130 -19.80 -17.83 14.26
N GLN C 131 -20.34 -16.62 14.13
CA GLN C 131 -20.89 -16.16 12.87
C GLN C 131 -20.25 -14.86 12.39
N GLU C 132 -19.09 -14.51 12.93
CA GLU C 132 -18.41 -13.28 12.52
C GLU C 132 -16.98 -13.32 13.03
N ASP C 133 -16.12 -12.54 12.37
CA ASP C 133 -14.76 -12.32 12.82
C ASP C 133 -14.59 -10.83 13.09
N ILE C 134 -13.83 -10.50 14.14
CA ILE C 134 -13.66 -9.13 14.58
C ILE C 134 -12.18 -8.78 14.54
N ILE C 135 -11.86 -7.68 13.85
CA ILE C 135 -10.51 -7.11 13.80
C ILE C 135 -10.52 -5.82 14.63
N SER C 136 -9.48 -5.61 15.43
CA SER C 136 -9.39 -4.40 16.22
C SER C 136 -7.92 -3.98 16.38
N ILE C 137 -7.73 -2.68 16.63
CA ILE C 137 -6.42 -2.11 16.90
C ILE C 137 -6.58 -1.14 18.06
N TRP C 138 -5.77 -1.32 19.10
CA TRP C 138 -5.87 -0.55 20.33
C TRP C 138 -4.82 0.55 20.36
N ASN C 139 -5.17 1.69 20.95
CA ASN C 139 -4.24 2.80 21.13
C ASN C 139 -4.24 3.26 22.58
N LYS C 140 -3.18 3.96 22.96
CA LYS C 140 -2.95 4.30 24.36
C LYS C 140 -4.03 5.23 24.90
N THR C 141 -4.31 6.33 24.20
CA THR C 141 -5.13 7.41 24.72
C THR C 141 -6.43 7.49 23.93
N ALA C 142 -7.54 7.12 24.56
CA ALA C 142 -8.83 7.16 23.89
C ALA C 142 -9.31 8.58 23.67
N SER C 143 -8.89 9.51 24.52
CA SER C 143 -9.33 10.91 24.44
C SER C 143 -8.56 11.73 23.41
N ASP C 144 -7.55 11.14 22.76
CA ASP C 144 -6.76 11.86 21.76
C ASP C 144 -7.48 11.73 20.42
N GLN C 145 -8.39 12.67 20.15
CA GLN C 145 -9.17 12.63 18.91
C GLN C 145 -8.27 12.69 17.70
N ALA C 146 -7.24 13.54 17.74
CA ALA C 146 -6.30 13.61 16.62
C ALA C 146 -5.72 12.24 16.30
N THR C 147 -5.39 11.46 17.33
CA THR C 147 -4.80 10.15 17.11
C THR C 147 -5.85 9.14 16.64
N THR C 148 -6.99 9.07 17.32
CA THR C 148 -7.98 8.07 16.96
C THR C 148 -8.58 8.32 15.57
N ALA C 149 -8.67 9.58 15.15
CA ALA C 149 -9.14 9.87 13.80
C ALA C 149 -8.11 9.46 12.76
N ARG C 150 -6.82 9.62 13.08
CA ARG C 150 -5.77 9.19 12.16
C ARG C 150 -5.75 7.67 12.02
N ILE C 151 -5.86 6.95 13.14
CA ILE C 151 -5.90 5.49 13.06
C ILE C 151 -7.07 5.03 12.21
N ARG C 152 -8.24 5.67 12.39
CA ARG C 152 -9.40 5.30 11.59
C ARG C 152 -9.13 5.54 10.11
N ASP C 153 -8.63 6.73 9.78
CA ASP C 153 -8.32 7.04 8.39
C ASP C 153 -7.31 6.06 7.82
N THR C 154 -6.25 5.75 8.58
CA THR C 154 -5.23 4.82 8.10
C THR C 154 -5.82 3.43 7.94
N LEU C 155 -6.54 2.97 8.96
CA LEU C 155 -7.15 1.65 8.90
C LEU C 155 -8.01 1.50 7.65
N ARG C 156 -8.77 2.55 7.32
CA ARG C 156 -9.62 2.51 6.13
C ARG C 156 -8.83 2.16 4.89
N ARG C 157 -7.72 2.88 4.65
CA ARG C 157 -6.93 2.65 3.44
C ARG C 157 -6.16 1.34 3.51
N VAL C 158 -5.70 0.98 4.71
CA VAL C 158 -4.82 -0.17 4.86
C VAL C 158 -5.56 -1.48 4.60
N LEU C 159 -6.83 -1.57 4.99
CA LEU C 159 -7.56 -2.82 4.79
C LEU C 159 -8.28 -2.89 3.45
N ASN C 160 -8.34 -1.81 2.68
CA ASN C 160 -8.88 -1.81 1.33
C ASN C 160 -10.34 -2.30 1.31
N LEU C 161 -11.14 -1.73 2.17
CA LEU C 161 -12.49 -2.25 2.29
C LEU C 161 -13.48 -1.33 1.57
N PRO C 162 -14.57 -1.88 1.04
CA PRO C 162 -15.57 -1.05 0.36
C PRO C 162 -15.98 0.14 1.21
N PRO C 163 -16.40 1.24 0.59
CA PRO C 163 -16.53 2.51 1.34
C PRO C 163 -17.51 2.46 2.51
N ASN C 164 -18.66 1.80 2.35
CA ASN C 164 -19.70 1.88 3.38
C ASN C 164 -19.44 0.90 4.52
N THR C 165 -18.19 0.59 4.78
CA THR C 165 -17.85 -0.37 5.83
C THR C 165 -17.98 0.28 7.19
N ILE C 166 -18.64 -0.43 8.11
CA ILE C 166 -18.88 0.10 9.44
C ILE C 166 -17.64 -0.13 10.30
N MET C 167 -17.23 0.91 11.02
CA MET C 167 -16.18 0.82 12.01
C MET C 167 -16.66 1.45 13.31
N GLU C 168 -16.21 0.89 14.43
CA GLU C 168 -16.66 1.32 15.75
C GLU C 168 -15.47 1.49 16.67
N TYR C 169 -15.47 2.59 17.41
CA TYR C 169 -14.48 2.85 18.44
C TYR C 169 -15.11 2.62 19.81
N LYS C 170 -14.47 1.78 20.63
CA LYS C 170 -14.97 1.47 21.95
C LYS C 170 -13.91 1.80 22.99
N THR C 171 -14.31 2.52 24.03
CA THR C 171 -13.47 2.83 25.17
C THR C 171 -13.93 2.00 26.36
N HIS C 172 -13.40 2.32 27.54
CA HIS C 172 -13.78 1.61 28.75
C HIS C 172 -14.91 2.31 29.51
N THR C 173 -14.99 3.62 29.41
CA THR C 173 -16.04 4.38 30.09
C THR C 173 -17.32 4.41 29.26
N LYS D 7 5.55 11.89 17.69
CA LYS D 7 6.90 11.37 17.51
C LYS D 7 7.03 10.62 16.18
N LEU D 8 8.24 10.61 15.63
CA LEU D 8 8.52 9.93 14.37
C LEU D 8 9.43 8.73 14.63
N ALA D 9 9.03 7.57 14.13
CA ALA D 9 9.82 6.35 14.25
C ALA D 9 10.88 6.29 13.18
N ASP D 10 12.01 5.66 13.53
CA ASP D 10 13.15 5.57 12.63
C ASP D 10 13.19 4.27 11.84
N TYR D 11 12.56 3.20 12.33
CA TYR D 11 12.50 1.91 11.61
C TYR D 11 11.09 1.78 11.02
N ARG D 12 10.97 2.09 9.73
CA ARG D 12 9.71 2.00 9.01
C ARG D 12 9.87 1.05 7.83
N TYR D 13 8.77 0.37 7.47
CA TYR D 13 8.76 -0.56 6.35
C TYR D 13 7.41 -0.46 5.65
N GLY D 14 7.42 -0.03 4.39
CA GLY D 14 6.23 -0.11 3.58
C GLY D 14 5.82 -1.56 3.33
N ARG D 15 4.59 -1.72 2.82
CA ARG D 15 4.03 -3.05 2.64
C ARG D 15 4.94 -3.92 1.78
N GLU D 16 5.40 -3.39 0.64
CA GLU D 16 6.29 -4.17 -0.23
C GLU D 16 7.59 -4.52 0.48
N GLU D 17 8.10 -3.62 1.31
CA GLU D 17 9.35 -3.89 2.03
C GLU D 17 9.17 -5.03 3.01
N MET D 18 8.05 -5.04 3.75
CA MET D 18 7.74 -6.18 4.61
C MET D 18 7.74 -7.48 3.82
N LEU D 19 7.12 -7.47 2.63
CA LEU D 19 7.00 -8.71 1.85
C LEU D 19 8.33 -9.13 1.26
N ALA D 20 9.14 -8.18 0.80
CA ALA D 20 10.42 -8.51 0.22
C ALA D 20 11.30 -9.28 1.19
N LEU D 21 11.09 -9.09 2.49
CA LEU D 21 11.94 -9.70 3.51
C LEU D 21 11.43 -11.05 3.99
N PHE D 22 10.34 -11.56 3.42
CA PHE D 22 9.87 -12.90 3.74
C PHE D 22 10.77 -13.93 3.08
N LEU D 23 11.03 -15.03 3.78
CA LEU D 23 11.86 -16.10 3.27
C LEU D 23 10.99 -17.34 3.06
N LYS D 24 10.93 -17.81 1.80
CA LYS D 24 10.08 -18.95 1.47
C LYS D 24 10.26 -20.10 2.44
N ASP D 25 11.48 -20.29 2.96
CA ASP D 25 11.78 -21.30 3.96
C ASP D 25 12.11 -20.59 5.27
N ASN D 26 11.28 -20.80 6.28
CA ASN D 26 11.47 -20.21 7.60
C ASN D 26 11.64 -21.33 8.61
N LYS D 27 12.64 -21.19 9.47
CA LYS D 27 12.77 -22.10 10.62
C LYS D 27 11.67 -21.77 11.63
N ILE D 28 11.06 -22.81 12.18
CA ILE D 28 9.99 -22.61 13.16
C ILE D 28 10.57 -22.00 14.42
N PRO D 29 10.02 -20.91 14.95
CA PRO D 29 10.50 -20.41 16.25
C PRO D 29 10.25 -21.43 17.34
N SER D 30 11.24 -21.57 18.22
CA SER D 30 11.13 -22.51 19.32
C SER D 30 9.83 -22.33 20.11
N ASP D 31 9.34 -21.09 20.23
CA ASP D 31 8.18 -20.84 21.07
C ASP D 31 6.92 -21.50 20.54
N LEU D 32 6.82 -21.66 19.22
CA LEU D 32 5.63 -22.28 18.63
C LEU D 32 5.66 -23.80 18.65
N LEU D 33 6.79 -24.41 19.04
CA LEU D 33 6.84 -25.85 19.23
C LEU D 33 6.33 -26.29 20.59
N ASP D 34 6.03 -25.34 21.47
CA ASP D 34 5.33 -25.65 22.71
C ASP D 34 4.04 -26.39 22.39
N LYS D 35 3.75 -27.44 23.15
CA LYS D 35 2.65 -28.34 22.80
C LYS D 35 1.28 -27.69 22.95
N GLU D 36 1.16 -26.62 23.74
CA GLU D 36 -0.15 -25.97 23.87
C GLU D 36 -0.52 -25.15 22.63
N PHE D 37 0.42 -24.88 21.72
CA PHE D 37 0.14 -24.19 20.48
C PHE D 37 0.05 -25.13 19.28
N LEU D 38 0.13 -26.44 19.50
CA LEU D 38 -0.04 -27.38 18.39
C LEU D 38 -1.29 -27.13 17.57
N PRO D 39 -2.44 -26.77 18.15
CA PRO D 39 -3.62 -26.49 17.31
C PRO D 39 -3.44 -25.34 16.34
N ILE D 40 -2.52 -24.42 16.62
CA ILE D 40 -2.29 -23.26 15.76
C ILE D 40 -0.97 -23.35 15.01
N LEU D 41 -0.20 -24.43 15.20
CA LEU D 41 1.08 -24.54 14.54
C LEU D 41 0.89 -24.84 13.05
N GLN D 42 1.47 -23.99 12.21
CA GLN D 42 1.55 -24.23 10.77
C GLN D 42 2.96 -24.77 10.50
N GLU D 43 3.05 -26.08 10.27
CA GLU D 43 4.34 -26.72 10.06
C GLU D 43 5.04 -26.13 8.85
N GLU D 44 4.39 -26.21 7.69
CA GLU D 44 4.97 -25.71 6.46
C GLU D 44 4.69 -24.21 6.34
N PRO D 45 5.72 -23.36 6.22
CA PRO D 45 5.48 -21.91 6.17
C PRO D 45 4.76 -21.52 4.89
N LEU D 46 3.59 -20.94 5.04
CA LEU D 46 2.84 -20.52 3.87
C LEU D 46 3.25 -19.12 3.45
N PRO D 47 3.21 -18.83 2.15
CA PRO D 47 3.58 -17.48 1.70
C PRO D 47 2.59 -16.45 2.24
N PRO D 48 3.01 -15.21 2.39
CA PRO D 48 2.05 -14.18 2.80
C PRO D 48 0.88 -14.11 1.83
N LEU D 49 -0.31 -13.94 2.38
CA LEU D 49 -1.50 -13.80 1.55
C LEU D 49 -1.35 -12.68 0.54
N ALA D 50 -0.67 -11.59 0.92
CA ALA D 50 -0.43 -10.49 -0.01
C ALA D 50 0.17 -10.96 -1.32
N LEU D 51 1.00 -12.00 -1.27
CA LEU D 51 1.59 -12.58 -2.47
C LEU D 51 0.72 -13.67 -3.08
N VAL D 52 -0.50 -13.84 -2.61
CA VAL D 52 -1.42 -14.86 -3.12
C VAL D 52 -2.58 -14.12 -3.79
N PRO D 53 -2.72 -14.18 -5.12
CA PRO D 53 -3.86 -13.53 -5.76
C PRO D 53 -5.19 -14.05 -5.22
N PHE D 54 -6.19 -13.19 -5.27
CA PHE D 54 -7.53 -13.57 -4.81
C PHE D 54 -8.06 -14.73 -5.63
N THR D 55 -8.54 -15.76 -4.94
CA THR D 55 -9.35 -16.77 -5.59
C THR D 55 -10.73 -16.19 -5.91
N GLU D 56 -11.47 -16.91 -6.77
CA GLU D 56 -12.85 -16.51 -7.04
C GLU D 56 -13.65 -16.37 -5.76
N GLU D 57 -13.45 -17.29 -4.81
CA GLU D 57 -14.06 -17.17 -3.49
C GLU D 57 -13.73 -15.82 -2.85
N GLU D 58 -12.43 -15.58 -2.62
CA GLU D 58 -12.02 -14.34 -1.97
C GLU D 58 -12.42 -13.13 -2.79
N GLN D 59 -12.23 -13.17 -4.11
CA GLN D 59 -12.61 -12.04 -4.95
C GLN D 59 -14.06 -11.64 -4.73
N ARG D 60 -14.95 -12.63 -4.65
CA ARG D 60 -16.37 -12.32 -4.38
C ARG D 60 -16.56 -11.81 -2.95
N ASN D 61 -15.94 -12.48 -1.98
CA ASN D 61 -16.14 -12.12 -0.57
C ASN D 61 -15.66 -10.71 -0.26
N PHE D 62 -14.62 -10.23 -0.95
CA PHE D 62 -14.04 -8.93 -0.65
C PHE D 62 -14.67 -7.78 -1.43
N SER D 63 -15.38 -8.07 -2.51
CA SER D 63 -15.78 -7.00 -3.42
C SER D 63 -17.10 -6.33 -3.04
N MET D 64 -18.10 -7.11 -2.64
CA MET D 64 -19.43 -6.56 -2.40
C MET D 64 -19.48 -5.87 -1.04
N SER D 65 -19.60 -6.65 0.04
CA SER D 65 -19.72 -6.09 1.38
C SER D 65 -18.99 -6.99 2.36
N VAL D 66 -18.46 -6.39 3.42
CA VAL D 66 -17.56 -7.10 4.32
C VAL D 66 -18.13 -7.20 5.73
N ASN D 67 -18.98 -6.25 6.10
CA ASN D 67 -19.53 -6.24 7.45
C ASN D 67 -20.36 -7.49 7.69
N SER D 68 -20.31 -7.97 8.94
CA SER D 68 -21.09 -9.14 9.33
C SER D 68 -22.56 -8.79 9.46
N ALA D 69 -23.40 -9.83 9.39
CA ALA D 69 -24.83 -9.61 9.51
C ALA D 69 -25.20 -9.05 10.88
N ALA D 70 -24.44 -9.42 11.91
CA ALA D 70 -24.76 -8.98 13.27
C ALA D 70 -24.72 -7.46 13.37
N VAL D 71 -23.57 -6.86 13.03
CA VAL D 71 -23.42 -5.42 13.14
C VAL D 71 -24.37 -4.67 12.22
N LEU D 72 -24.89 -5.34 11.18
CA LEU D 72 -25.77 -4.70 10.21
C LEU D 72 -27.23 -4.64 10.66
N ARG D 73 -27.52 -4.88 11.94
CA ARG D 73 -28.88 -4.76 12.45
C ARG D 73 -29.20 -3.30 12.77
#